data_2P73
#
_entry.id   2P73
#
_cell.length_a   43.375
_cell.length_b   63.535
_cell.length_c   44.760
_cell.angle_alpha   90.00
_cell.angle_beta   114.03
_cell.angle_gamma   90.00
#
_symmetry.space_group_name_H-M   'P 1 21 1'
#
loop_
_entity.id
_entity.type
_entity.pdbx_description
1 polymer 'Putative glycosyltransferase (Mannosyltransferase) involved in glycosylating the PBCV-1 major capsid protein'
2 non-polymer 'MANGANESE (II) ION'
3 non-polymer "URIDINE-5'-DIPHOSPHATE"
4 water water
#
_entity_poly.entity_id   1
_entity_poly.type   'polypeptide(L)'
_entity_poly.pdbx_seq_one_letter_code
;ASMTTPCITILSGHFPKETIYARKTKELVEEYCSIHGYNFYYEESEPLETEEHALHFRRSWIIQQAAEKFPSTEWFLWLD
SDVYVNPKNKNKPITSFIDLSDPNILYHTFHEAPWGSYPINTGVKFVHKDALEIEKIVWSLRNEAPWNTFPYEQKTVYEY
VFPRIPGRYIVHDPYTLNCIVKAYPEHVKDALFVHMCGTSRAERDEHMEMVAT
;
_entity_poly.pdbx_strand_id   A
#
loop_
_chem_comp.id
_chem_comp.type
_chem_comp.name
_chem_comp.formula
MN non-polymer 'MANGANESE (II) ION' 'Mn 2'
UDP RNA linking URIDINE-5'-DIPHOSPHATE 'C9 H14 N2 O12 P2'
#
# COMPACT_ATOMS: atom_id res chain seq x y z
N THR A 5 7.82 13.90 -13.92
CA THR A 5 6.65 13.49 -13.06
C THR A 5 6.00 12.19 -13.59
N PRO A 6 6.29 11.05 -12.93
CA PRO A 6 5.92 9.75 -13.50
C PRO A 6 4.41 9.51 -13.52
N CYS A 7 4.02 8.49 -14.28
CA CYS A 7 2.65 8.00 -14.33
C CYS A 7 2.43 7.06 -13.16
N ILE A 8 1.47 7.39 -12.32
CA ILE A 8 1.23 6.68 -11.06
C ILE A 8 -0.16 6.09 -11.08
N THR A 9 -0.23 4.81 -10.71
CA THR A 9 -1.49 4.12 -10.53
C THR A 9 -1.58 3.68 -9.09
N ILE A 10 -2.57 4.21 -8.39
CA ILE A 10 -2.84 3.86 -7.04
C ILE A 10 -3.84 2.72 -7.09
N LEU A 11 -3.57 1.66 -6.34
CA LEU A 11 -4.45 0.52 -6.32
C LEU A 11 -4.76 0.10 -4.88
N SER A 12 -5.95 -0.47 -4.69
CA SER A 12 -6.38 -0.94 -3.40
C SER A 12 -7.45 -2.01 -3.62
N GLY A 13 -8.07 -2.47 -2.54
CA GLY A 13 -9.08 -3.49 -2.62
C GLY A 13 -9.34 -4.04 -1.24
N HIS A 14 -10.56 -4.53 -1.02
CA HIS A 14 -10.94 -5.05 0.28
C HIS A 14 -12.05 -6.07 0.16
N PHE A 15 -11.83 -7.22 0.77
CA PHE A 15 -12.87 -8.22 0.99
C PHE A 15 -13.19 -8.28 2.47
N PRO A 16 -14.48 -8.18 2.84
CA PRO A 16 -15.63 -8.00 1.95
C PRO A 16 -15.84 -6.54 1.51
N LYS A 17 -16.41 -6.38 0.32
CA LYS A 17 -16.62 -5.06 -0.29
C LYS A 17 -17.39 -4.07 0.60
N GLU A 18 -18.52 -4.51 1.15
CA GLU A 18 -19.47 -3.61 1.86
C GLU A 18 -19.00 -3.13 3.25
N THR A 19 -17.80 -3.50 3.66
CA THR A 19 -17.16 -2.97 4.87
C THR A 19 -17.13 -1.44 4.79
N ILE A 20 -17.69 -0.77 5.80
CA ILE A 20 -17.91 0.67 5.76
C ILE A 20 -16.65 1.52 5.56
N TYR A 21 -15.62 1.26 6.37
CA TYR A 21 -14.44 2.08 6.38
C TYR A 21 -13.64 1.92 5.09
N ALA A 22 -13.72 0.74 4.48
CA ALA A 22 -13.08 0.48 3.20
C ALA A 22 -13.73 1.31 2.08
N ARG A 23 -15.05 1.44 2.12
CA ARG A 23 -15.75 2.32 1.18
C ARG A 23 -15.35 3.79 1.36
N LYS A 24 -15.16 4.19 2.63
CA LYS A 24 -14.79 5.57 2.93
C LYS A 24 -13.35 5.94 2.57
N THR A 25 -12.39 5.04 2.78
CA THR A 25 -11.03 5.32 2.35
C THR A 25 -10.94 5.32 0.82
N LYS A 26 -11.67 4.40 0.19
CA LYS A 26 -11.71 4.29 -1.26
C LYS A 26 -12.09 5.64 -1.90
N GLU A 27 -13.12 6.30 -1.37
CA GLU A 27 -13.61 7.53 -1.97
C GLU A 27 -12.61 8.68 -1.78
N LEU A 28 -11.96 8.70 -0.63
CA LEU A 28 -10.91 9.68 -0.39
C LEU A 28 -9.74 9.46 -1.32
N VAL A 29 -9.39 8.19 -1.55
CA VAL A 29 -8.34 7.86 -2.51
C VAL A 29 -8.77 8.19 -3.94
N GLU A 30 -9.97 7.81 -4.34
CA GLU A 30 -10.49 8.17 -5.68
C GLU A 30 -10.49 9.70 -5.94
N GLU A 31 -10.91 10.46 -4.93
CA GLU A 31 -10.90 11.91 -5.03
C GLU A 31 -9.47 12.44 -5.20
N TYR A 32 -8.56 11.86 -4.43
CA TYR A 32 -7.14 12.21 -4.48
C TYR A 32 -6.54 12.00 -5.87
N CYS A 33 -6.87 10.85 -6.48
CA CYS A 33 -6.41 10.52 -7.82
C CYS A 33 -6.98 11.45 -8.89
N SER A 34 -8.20 11.91 -8.68
CA SER A 34 -8.85 12.77 -9.67
C SER A 34 -8.27 14.20 -9.62
N ILE A 35 -7.88 14.66 -8.44
CA ILE A 35 -7.23 15.97 -8.26
C ILE A 35 -5.88 16.03 -9.00
N HIS A 36 -5.13 14.94 -8.94
CA HIS A 36 -3.75 14.94 -9.42
C HIS A 36 -3.53 14.24 -10.77
N GLY A 37 -4.59 13.63 -11.32
CA GLY A 37 -4.49 12.89 -12.58
C GLY A 37 -3.86 11.52 -12.44
N TYR A 38 -3.89 10.95 -11.23
CA TYR A 38 -3.40 9.58 -11.04
C TYR A 38 -4.48 8.58 -11.45
N ASN A 39 -4.07 7.43 -11.98
CA ASN A 39 -5.02 6.36 -12.20
C ASN A 39 -5.35 5.70 -10.88
N PHE A 40 -6.59 5.23 -10.77
CA PHE A 40 -7.03 4.58 -9.56
C PHE A 40 -7.56 3.20 -9.91
N TYR A 41 -6.94 2.16 -9.37
CA TYR A 41 -7.50 0.82 -9.53
C TYR A 41 -7.98 0.25 -8.20
N TYR A 42 -9.27 -0.11 -8.16
CA TYR A 42 -9.86 -0.78 -6.99
C TYR A 42 -10.40 -2.14 -7.36
N GLU A 43 -9.93 -3.17 -6.67
CA GLU A 43 -10.32 -4.53 -7.01
C GLU A 43 -11.79 -4.75 -6.69
N GLU A 44 -12.55 -5.14 -7.72
CA GLU A 44 -13.97 -5.41 -7.60
C GLU A 44 -14.29 -6.92 -7.53
N SER A 45 -13.35 -7.74 -8.00
CA SER A 45 -13.52 -9.20 -8.01
C SER A 45 -13.47 -9.79 -6.59
N GLU A 46 -14.42 -10.67 -6.29
CA GLU A 46 -14.39 -11.44 -5.04
C GLU A 46 -13.27 -12.49 -5.14
N PRO A 47 -12.55 -12.74 -4.03
CA PRO A 47 -11.39 -13.61 -4.14
C PRO A 47 -11.76 -15.09 -4.06
N LEU A 48 -11.07 -15.92 -4.84
CA LEU A 48 -11.18 -17.36 -4.74
C LEU A 48 -10.68 -17.87 -3.39
N GLU A 49 -9.63 -17.25 -2.86
CA GLU A 49 -9.08 -17.60 -1.53
C GLU A 49 -9.36 -16.51 -0.47
N THR A 50 -10.12 -16.88 0.56
CA THR A 50 -10.59 -15.91 1.54
C THR A 50 -9.89 -16.03 2.90
N GLU A 51 -8.95 -16.97 3.03
CA GLU A 51 -8.14 -17.10 4.25
C GLU A 51 -7.27 -15.84 4.46
N GLU A 52 -7.06 -15.48 5.72
CA GLU A 52 -6.36 -14.24 6.07
C GLU A 52 -5.04 -14.05 5.32
N HIS A 53 -4.19 -15.07 5.33
CA HIS A 53 -2.91 -14.97 4.63
C HIS A 53 -3.09 -14.63 3.14
N ALA A 54 -4.10 -15.24 2.52
CA ALA A 54 -4.43 -15.03 1.11
C ALA A 54 -4.94 -13.63 0.82
N LEU A 55 -5.77 -13.10 1.71
CA LEU A 55 -6.25 -11.72 1.57
C LEU A 55 -5.10 -10.72 1.71
N HIS A 56 -4.17 -11.00 2.61
CA HIS A 56 -3.00 -10.16 2.78
C HIS A 56 -2.03 -10.21 1.61
N PHE A 57 -1.95 -11.36 0.94
CA PHE A 57 -1.11 -11.52 -0.26
C PHE A 57 -1.78 -10.91 -1.50
N ARG A 58 -3.09 -10.68 -1.43
CA ARG A 58 -3.90 -10.30 -2.61
C ARG A 58 -3.42 -9.06 -3.38
N ARG A 59 -2.73 -8.16 -2.69
CA ARG A 59 -2.15 -6.98 -3.32
C ARG A 59 -1.18 -7.32 -4.43
N SER A 60 -0.58 -8.50 -4.37
CA SER A 60 0.39 -8.93 -5.37
C SER A 60 -0.30 -9.42 -6.62
N TRP A 61 -1.59 -9.74 -6.46
CA TRP A 61 -2.44 -10.15 -7.56
C TRP A 61 -3.21 -8.96 -8.17
N ILE A 62 -3.65 -8.04 -7.32
CA ILE A 62 -4.40 -6.86 -7.76
C ILE A 62 -3.49 -5.94 -8.58
N ILE A 63 -2.21 -5.90 -8.25
CA ILE A 63 -1.27 -5.07 -9.02
C ILE A 63 -1.20 -5.51 -10.49
N GLN A 64 -1.54 -6.77 -10.73
CA GLN A 64 -1.50 -7.31 -12.08
C GLN A 64 -2.76 -6.98 -12.84
N GLN A 65 -3.88 -6.88 -12.12
CA GLN A 65 -5.11 -6.34 -12.65
C GLN A 65 -4.90 -4.86 -12.99
N ALA A 66 -4.29 -4.11 -12.08
CA ALA A 66 -3.96 -2.70 -12.30
C ALA A 66 -3.04 -2.53 -13.48
N ALA A 67 -2.10 -3.46 -13.64
CA ALA A 67 -1.11 -3.39 -14.71
C ALA A 67 -1.75 -3.57 -16.08
N GLU A 68 -2.76 -4.42 -16.14
CA GLU A 68 -3.43 -4.74 -17.37
C GLU A 68 -4.41 -3.62 -17.73
N LYS A 69 -5.05 -3.03 -16.74
CA LYS A 69 -5.89 -1.86 -17.00
C LYS A 69 -5.09 -0.60 -17.37
N PHE A 70 -3.94 -0.41 -16.73
CA PHE A 70 -3.16 0.80 -16.95
C PHE A 70 -1.71 0.54 -17.43
N PRO A 71 -1.55 -0.02 -18.65
CA PRO A 71 -0.23 -0.49 -19.13
C PRO A 71 0.88 0.57 -19.19
N SER A 72 0.51 1.84 -19.24
CA SER A 72 1.50 2.90 -19.36
C SER A 72 2.11 3.39 -18.02
N THR A 73 1.65 2.79 -16.91
CA THR A 73 2.06 3.17 -15.54
C THR A 73 3.56 3.00 -15.33
N GLU A 74 4.19 3.98 -14.69
CA GLU A 74 5.58 3.81 -14.26
C GLU A 74 5.72 3.28 -12.82
N TRP A 75 4.92 3.82 -11.90
CA TRP A 75 4.91 3.41 -10.50
C TRP A 75 3.51 2.96 -10.08
N PHE A 76 3.42 1.76 -9.50
CA PHE A 76 2.16 1.31 -8.91
C PHE A 76 2.25 1.55 -7.42
N LEU A 77 1.19 2.13 -6.85
CA LEU A 77 1.19 2.41 -5.42
C LEU A 77 0.07 1.67 -4.73
N TRP A 78 0.46 0.70 -3.90
CA TRP A 78 -0.47 -0.02 -3.08
C TRP A 78 -0.73 0.74 -1.79
N LEU A 79 -2.02 0.96 -1.52
CA LEU A 79 -2.48 1.48 -0.24
C LEU A 79 -3.47 0.50 0.34
N ASP A 80 -3.22 0.11 1.58
CA ASP A 80 -4.15 -0.72 2.30
C ASP A 80 -5.50 -0.02 2.39
N SER A 81 -6.56 -0.83 2.45
CA SER A 81 -7.92 -0.38 2.65
C SER A 81 -8.17 0.42 3.93
N ASP A 82 -7.24 0.40 4.88
CA ASP A 82 -7.37 1.24 6.08
C ASP A 82 -6.39 2.41 6.06
N VAL A 83 -5.93 2.74 4.85
CA VAL A 83 -5.13 3.93 4.63
C VAL A 83 -6.01 4.94 3.87
N TYR A 84 -6.05 6.16 4.40
CA TYR A 84 -6.71 7.27 3.70
C TYR A 84 -5.79 8.48 3.49
N VAL A 85 -6.25 9.36 2.59
CA VAL A 85 -5.58 10.60 2.25
C VAL A 85 -6.03 11.61 3.27
N ASN A 86 -5.05 12.24 3.91
CA ASN A 86 -5.29 13.27 4.90
C ASN A 86 -5.93 14.50 4.19
N PRO A 87 -7.19 14.85 4.55
CA PRO A 87 -7.92 15.91 3.85
C PRO A 87 -7.21 17.26 3.85
N LYS A 88 -6.36 17.49 4.83
CA LYS A 88 -5.54 18.69 4.88
C LYS A 88 -4.43 18.72 3.82
N ASN A 89 -4.01 17.54 3.35
CA ASN A 89 -2.99 17.49 2.31
C ASN A 89 -3.44 16.97 0.94
N LYS A 90 -4.76 16.81 0.76
CA LYS A 90 -5.32 16.25 -0.47
C LYS A 90 -4.97 17.02 -1.76
N ASN A 91 -4.56 18.28 -1.63
CA ASN A 91 -4.15 19.05 -2.82
C ASN A 91 -2.64 19.02 -3.06
N LYS A 92 -1.92 18.25 -2.27
CA LYS A 92 -0.48 18.06 -2.47
C LYS A 92 -0.17 16.74 -3.20
N PRO A 93 0.72 16.79 -4.23
CA PRO A 93 1.09 15.58 -4.99
C PRO A 93 2.01 14.67 -4.21
N ILE A 94 2.05 13.39 -4.59
CA ILE A 94 2.95 12.42 -3.95
C ILE A 94 4.41 12.82 -4.14
N THR A 95 4.70 13.41 -5.29
CA THR A 95 6.08 13.78 -5.63
C THR A 95 6.62 14.93 -4.78
N SER A 96 5.75 15.56 -4.00
CA SER A 96 6.16 16.54 -3.00
C SER A 96 6.65 15.89 -1.73
N PHE A 97 6.34 14.60 -1.56
CA PHE A 97 6.72 13.88 -0.33
C PHE A 97 7.84 12.87 -0.52
N ILE A 98 8.06 12.47 -1.77
CA ILE A 98 9.03 11.43 -2.08
C ILE A 98 9.69 11.67 -3.42
N ASP A 99 10.96 11.30 -3.50
CA ASP A 99 11.74 11.44 -4.70
C ASP A 99 11.79 10.12 -5.49
N LEU A 100 11.04 10.05 -6.59
CA LEU A 100 10.99 8.83 -7.39
C LEU A 100 11.88 8.91 -8.66
N SER A 101 13.02 9.61 -8.56
CA SER A 101 13.89 9.87 -9.72
C SER A 101 15.04 8.89 -9.98
N ASP A 102 15.41 8.05 -9.02
CA ASP A 102 16.49 7.06 -9.24
C ASP A 102 15.99 5.84 -10.01
N PRO A 103 16.41 5.69 -11.30
CA PRO A 103 15.84 4.68 -12.20
C PRO A 103 16.23 3.24 -11.86
N ASN A 104 17.17 3.09 -10.92
CA ASN A 104 17.70 1.81 -10.46
C ASN A 104 16.78 1.17 -9.43
N ILE A 105 15.88 1.96 -8.83
CA ILE A 105 15.06 1.54 -7.69
C ILE A 105 13.74 0.87 -8.07
N LEU A 106 13.51 -0.33 -7.56
CA LEU A 106 12.31 -1.08 -7.86
C LEU A 106 11.20 -0.96 -6.80
N TYR A 107 11.58 -0.77 -5.55
CA TYR A 107 10.63 -0.66 -4.44
C TYR A 107 10.95 0.54 -3.55
N HIS A 108 9.93 1.35 -3.23
CA HIS A 108 10.07 2.29 -2.13
C HIS A 108 9.16 1.81 -1.03
N THR A 109 9.76 1.63 0.15
CA THR A 109 9.06 1.06 1.29
C THR A 109 9.27 1.92 2.52
N PHE A 110 8.67 1.54 3.64
CA PHE A 110 8.67 2.37 4.84
C PHE A 110 8.81 1.53 6.10
N HIS A 111 9.59 2.02 7.06
CA HIS A 111 9.75 1.35 8.34
C HIS A 111 8.72 1.85 9.36
N GLU A 112 8.68 1.21 10.52
CA GLU A 112 7.69 1.53 11.54
C GLU A 112 8.30 1.46 12.94
N ALA A 113 9.60 1.70 13.02
CA ALA A 113 10.28 1.85 14.30
C ALA A 113 9.98 3.21 14.92
N PRO A 114 10.21 3.32 16.23
CA PRO A 114 10.57 2.17 17.05
C PRO A 114 9.36 1.37 17.54
N TRP A 115 8.16 1.80 17.14
CA TRP A 115 6.90 1.27 17.70
C TRP A 115 6.37 -0.03 17.08
N GLY A 116 6.75 -0.35 15.85
CA GLY A 116 6.17 -1.47 15.11
C GLY A 116 6.98 -2.75 15.31
N SER A 117 6.41 -3.89 14.93
CA SER A 117 7.06 -5.17 15.23
C SER A 117 7.85 -5.74 14.05
N TYR A 118 7.84 -5.03 12.93
CA TYR A 118 8.55 -5.52 11.74
C TYR A 118 9.37 -4.40 11.07
N PRO A 119 10.55 -4.73 10.48
CA PRO A 119 11.40 -3.70 9.85
C PRO A 119 10.75 -2.83 8.77
N ILE A 120 9.75 -3.36 8.05
CA ILE A 120 8.97 -2.57 7.10
C ILE A 120 7.48 -2.78 7.32
N ASN A 121 6.70 -1.85 6.78
CA ASN A 121 5.26 -1.92 6.77
C ASN A 121 4.81 -1.71 5.34
N THR A 122 4.20 -2.73 4.75
CA THR A 122 3.88 -2.70 3.33
C THR A 122 2.44 -2.26 3.04
N GLY A 123 1.82 -1.55 4.00
CA GLY A 123 0.49 -0.95 3.82
C GLY A 123 0.48 0.21 2.84
N VAL A 124 1.64 0.83 2.65
CA VAL A 124 1.88 1.77 1.56
C VAL A 124 3.17 1.29 0.88
N LYS A 125 3.08 0.94 -0.40
CA LYS A 125 4.21 0.35 -1.11
C LYS A 125 4.29 0.89 -2.53
N PHE A 126 5.46 1.42 -2.90
CA PHE A 126 5.68 1.82 -4.30
C PHE A 126 6.38 0.72 -5.07
N VAL A 127 5.77 0.30 -6.18
CA VAL A 127 6.33 -0.76 -7.01
C VAL A 127 6.52 -0.24 -8.45
N HIS A 128 7.76 -0.22 -8.90
CA HIS A 128 8.08 0.20 -10.26
C HIS A 128 7.55 -0.88 -11.19
N LYS A 129 7.09 -0.44 -12.38
CA LYS A 129 6.56 -1.35 -13.39
C LYS A 129 7.47 -2.54 -13.70
N ASP A 130 8.78 -2.34 -13.59
CA ASP A 130 9.76 -3.39 -13.88
C ASP A 130 9.90 -4.44 -12.76
N ALA A 131 9.06 -4.33 -11.74
CA ALA A 131 9.10 -5.23 -10.59
C ALA A 131 7.80 -6.02 -10.59
N LEU A 132 7.03 -5.85 -11.65
CA LEU A 132 5.77 -6.55 -11.86
C LEU A 132 5.89 -8.05 -11.75
N GLU A 133 6.92 -8.58 -12.41
CA GLU A 133 7.18 -10.01 -12.44
C GLU A 133 7.65 -10.54 -11.08
N ILE A 134 8.29 -9.67 -10.29
CA ILE A 134 8.68 -9.98 -8.92
C ILE A 134 7.41 -10.15 -8.10
N GLU A 135 6.50 -9.19 -8.22
CA GLU A 135 5.22 -9.27 -7.55
C GLU A 135 4.44 -10.56 -7.88
N LYS A 136 4.56 -11.02 -9.12
CA LYS A 136 3.98 -12.30 -9.55
C LYS A 136 4.59 -13.46 -8.78
N ILE A 137 5.88 -13.39 -8.52
CA ILE A 137 6.54 -14.40 -7.69
C ILE A 137 6.07 -14.32 -6.23
N VAL A 138 5.92 -13.10 -5.70
CA VAL A 138 5.42 -12.91 -4.33
C VAL A 138 4.05 -13.55 -4.17
N TRP A 139 3.15 -13.33 -5.12
CA TRP A 139 1.84 -13.96 -5.15
C TRP A 139 1.94 -15.50 -5.22
N SER A 140 2.83 -16.03 -6.07
CA SER A 140 3.00 -17.47 -6.21
C SER A 140 3.52 -18.14 -4.94
N LEU A 141 3.95 -17.33 -3.97
CA LEU A 141 4.51 -17.87 -2.73
C LEU A 141 3.50 -17.92 -1.58
N ARG A 142 2.28 -17.47 -1.84
CA ARG A 142 1.27 -17.28 -0.78
C ARG A 142 0.95 -18.52 0.04
N ASN A 143 1.08 -19.70 -0.55
CA ASN A 143 0.76 -20.92 0.18
C ASN A 143 1.97 -21.73 0.69
N GLU A 144 3.16 -21.20 0.47
CA GLU A 144 4.39 -21.85 0.93
C GLU A 144 4.88 -21.24 2.25
N ALA A 145 5.25 -22.10 3.19
CA ALA A 145 6.09 -21.69 4.31
C ALA A 145 7.48 -21.30 3.84
N PRO A 146 8.07 -20.32 4.52
CA PRO A 146 7.45 -19.72 5.70
C PRO A 146 6.58 -18.51 5.33
N TRP A 147 6.47 -18.22 4.04
CA TRP A 147 5.94 -16.95 3.58
C TRP A 147 4.44 -16.86 3.81
N ASN A 148 3.80 -18.02 3.99
CA ASN A 148 2.39 -18.07 4.38
C ASN A 148 2.13 -17.87 5.89
N THR A 149 3.18 -17.54 6.64
CA THR A 149 3.04 -17.14 8.03
C THR A 149 3.08 -15.63 8.17
N PHE A 150 2.42 -15.11 9.21
CA PHE A 150 2.52 -13.70 9.56
C PHE A 150 3.98 -13.25 9.62
N PRO A 151 4.29 -12.18 8.89
CA PRO A 151 3.25 -11.26 8.39
C PRO A 151 3.15 -11.30 6.88
N TYR A 152 3.35 -12.46 6.28
CA TYR A 152 2.86 -12.74 4.93
C TYR A 152 3.63 -11.94 3.90
N GLU A 153 2.90 -11.29 3.00
CA GLU A 153 3.52 -10.58 1.86
C GLU A 153 4.61 -9.59 2.31
N GLN A 154 4.42 -9.02 3.49
CA GLN A 154 5.34 -8.03 4.04
C GLN A 154 6.67 -8.70 4.38
N LYS A 155 6.59 -9.89 4.97
CA LYS A 155 7.75 -10.73 5.23
C LYS A 155 8.44 -11.20 3.93
N THR A 156 7.65 -11.50 2.91
CA THR A 156 8.14 -12.00 1.64
C THR A 156 8.95 -10.93 0.89
N VAL A 157 8.49 -9.69 0.92
CA VAL A 157 9.25 -8.56 0.36
C VAL A 157 10.55 -8.37 1.13
N TYR A 158 10.48 -8.40 2.46
CA TYR A 158 11.67 -8.03 3.21
C TYR A 158 12.71 -9.17 3.23
N GLU A 159 12.24 -10.41 3.26
CA GLU A 159 13.12 -11.56 3.49
C GLU A 159 13.40 -12.41 2.25
N TYR A 160 12.52 -12.35 1.26
CA TYR A 160 12.71 -13.07 0.01
C TYR A 160 13.14 -12.11 -1.11
N VAL A 161 12.37 -11.03 -1.26
CA VAL A 161 12.62 -10.11 -2.35
C VAL A 161 13.87 -9.25 -2.17
N PHE A 162 13.94 -8.51 -1.06
CA PHE A 162 15.03 -7.56 -0.88
C PHE A 162 16.45 -8.16 -0.99
N PRO A 163 16.70 -9.37 -0.45
CA PRO A 163 18.05 -9.98 -0.62
C PRO A 163 18.43 -10.30 -2.07
N ARG A 164 17.42 -10.48 -2.92
CA ARG A 164 17.62 -10.78 -4.32
C ARG A 164 17.73 -9.55 -5.21
N ILE A 165 17.49 -8.35 -4.65
CA ILE A 165 17.62 -7.10 -5.42
C ILE A 165 18.46 -6.05 -4.70
N PRO A 166 19.70 -6.43 -4.30
CA PRO A 166 20.54 -5.48 -3.56
C PRO A 166 20.67 -4.14 -4.30
N GLY A 167 20.53 -3.06 -3.54
CA GLY A 167 20.61 -1.71 -4.07
C GLY A 167 19.44 -1.23 -4.91
N ARG A 168 18.38 -2.05 -5.02
CA ARG A 168 17.22 -1.70 -5.85
C ARG A 168 15.95 -1.43 -5.05
N TYR A 169 16.13 -1.10 -3.77
CA TYR A 169 15.03 -0.74 -2.88
C TYR A 169 15.48 0.30 -1.87
N ILE A 170 14.52 1.03 -1.33
CA ILE A 170 14.80 2.04 -0.32
C ILE A 170 13.77 1.92 0.77
N VAL A 171 14.25 1.98 2.02
CA VAL A 171 13.37 2.03 3.18
C VAL A 171 13.37 3.47 3.70
N HIS A 172 12.22 4.14 3.62
CA HIS A 172 12.08 5.52 4.10
C HIS A 172 11.44 5.62 5.49
N ASP A 173 11.62 6.77 6.12
CA ASP A 173 10.81 7.17 7.28
C ASP A 173 9.33 7.21 6.87
N PRO A 174 8.43 6.75 7.76
CA PRO A 174 7.01 6.65 7.43
C PRO A 174 6.16 7.91 7.70
N TYR A 175 6.79 8.98 8.14
CA TYR A 175 6.07 10.10 8.79
C TYR A 175 4.98 10.79 7.96
N THR A 176 5.20 10.88 6.66
CA THR A 176 4.21 11.52 5.78
C THR A 176 3.46 10.53 4.88
N LEU A 177 4.09 9.41 4.52
CA LEU A 177 3.53 8.49 3.52
C LEU A 177 3.00 7.16 4.05
N ASN A 178 3.40 6.78 5.26
CA ASN A 178 2.82 5.60 5.92
C ASN A 178 2.62 5.91 7.40
N CYS A 179 1.84 6.94 7.69
CA CYS A 179 1.74 7.44 9.06
C CYS A 179 0.71 6.68 9.89
N ILE A 180 1.21 5.70 10.64
CA ILE A 180 0.38 4.87 11.53
C ILE A 180 -0.17 5.74 12.66
N VAL A 181 -1.49 5.77 12.79
CA VAL A 181 -2.18 6.70 13.69
C VAL A 181 -1.76 6.51 15.15
N LYS A 182 -1.74 5.27 15.62
CA LYS A 182 -1.45 5.01 17.03
C LYS A 182 0.02 5.20 17.40
N ALA A 183 0.90 5.10 16.42
CA ALA A 183 2.35 5.13 16.67
C ALA A 183 2.96 6.52 16.48
N TYR A 184 2.40 7.29 15.54
CA TYR A 184 2.88 8.64 15.27
C TYR A 184 1.74 9.68 15.32
N PRO A 185 1.00 9.74 16.44
CA PRO A 185 -0.18 10.57 16.48
C PRO A 185 0.14 12.05 16.20
N GLU A 186 1.37 12.44 16.47
CA GLU A 186 1.84 13.83 16.31
C GLU A 186 2.18 14.21 14.87
N HIS A 187 2.36 13.21 14.01
CA HIS A 187 2.65 13.45 12.59
C HIS A 187 1.40 13.41 11.73
N VAL A 188 0.36 12.76 12.23
CA VAL A 188 -0.90 12.54 11.47
C VAL A 188 -1.40 13.79 10.74
N LYS A 189 -1.29 14.94 11.39
CA LYS A 189 -1.78 16.20 10.83
C LYS A 189 -1.02 16.66 9.57
N ASP A 190 0.27 16.33 9.46
CA ASP A 190 1.08 16.70 8.26
C ASP A 190 1.39 15.53 7.31
N ALA A 191 0.76 14.39 7.54
CA ALA A 191 0.92 13.24 6.69
C ALA A 191 0.06 13.41 5.45
N LEU A 192 0.47 12.75 4.36
CA LEU A 192 -0.41 12.59 3.22
C LEU A 192 -1.24 11.32 3.41
N PHE A 193 -0.59 10.18 3.64
CA PHE A 193 -1.27 8.91 3.81
C PHE A 193 -1.28 8.47 5.28
N VAL A 194 -2.47 8.32 5.85
CA VAL A 194 -2.60 7.96 7.26
C VAL A 194 -3.12 6.51 7.37
N HIS A 195 -2.43 5.67 8.16
CA HIS A 195 -2.69 4.21 8.23
C HIS A 195 -3.31 3.86 9.58
N MET A 196 -4.52 3.34 9.55
CA MET A 196 -5.19 2.90 10.77
C MET A 196 -4.81 1.47 11.09
N CYS A 197 -3.51 1.20 11.05
CA CYS A 197 -2.93 -0.15 11.17
C CYS A 197 -3.17 -0.84 12.53
N GLY A 198 -3.50 -2.12 12.48
CA GLY A 198 -3.62 -2.95 13.70
C GLY A 198 -4.76 -2.59 14.65
N THR A 199 -5.89 -2.18 14.06
CA THR A 199 -7.13 -1.86 14.79
C THR A 199 -8.27 -2.64 14.15
N SER A 200 -9.39 -2.75 14.86
CA SER A 200 -10.54 -3.55 14.42
C SER A 200 -11.42 -2.87 13.38
N ARG A 201 -12.34 -3.63 12.80
CA ARG A 201 -13.28 -3.11 11.80
C ARG A 201 -14.21 -2.02 12.38
N ALA A 202 -14.64 -2.20 13.63
CA ALA A 202 -15.51 -1.23 14.28
C ALA A 202 -14.73 0.02 14.69
N GLU A 203 -13.53 -0.19 15.22
CA GLU A 203 -12.60 0.91 15.52
C GLU A 203 -12.29 1.76 14.28
N ARG A 204 -11.99 1.11 13.15
CA ARG A 204 -11.73 1.79 11.88
C ARG A 204 -12.99 2.49 11.34
N ASP A 205 -14.14 1.84 11.45
CA ASP A 205 -15.40 2.50 11.07
C ASP A 205 -15.56 3.81 11.84
N GLU A 206 -15.41 3.75 13.16
CA GLU A 206 -15.59 4.93 14.01
C GLU A 206 -14.63 6.06 13.67
N HIS A 207 -13.36 5.69 13.46
CA HIS A 207 -12.34 6.66 13.08
C HIS A 207 -12.69 7.37 11.77
N MET A 208 -13.15 6.61 10.78
CA MET A 208 -13.48 7.18 9.47
C MET A 208 -14.70 8.12 9.50
N GLU A 209 -15.61 7.87 10.46
CA GLU A 209 -16.74 8.77 10.72
C GLU A 209 -16.26 10.16 11.15
N MET A 210 -15.18 10.16 11.91
CA MET A 210 -14.59 11.37 12.48
C MET A 210 -13.84 12.20 11.43
N VAL A 211 -13.20 11.53 10.48
CA VAL A 211 -12.42 12.19 9.44
C VAL A 211 -13.30 12.98 8.49
MN MN B . -3.43 -1.76 6.92
N1 UDP C . -7.63 -7.55 3.85
C2 UDP C . -8.92 -7.83 3.41
N3 UDP C . -9.88 -8.22 4.30
C4 UDP C . -9.58 -8.31 5.63
C5 UDP C . -8.28 -8.02 6.08
C6 UDP C . -7.27 -7.91 5.12
O2 UDP C . -9.25 -7.77 2.24
O4 UDP C . -10.49 -8.66 6.40
C1' UDP C . -6.62 -7.12 2.85
C2' UDP C . -6.96 -5.70 2.46
O2' UDP C . -6.81 -5.57 1.06
C3' UDP C . -5.95 -4.86 3.24
C4' UDP C . -4.78 -5.82 3.50
O4' UDP C . -5.30 -7.14 3.36
O3' UDP C . -5.59 -3.72 2.48
C5' UDP C . -4.15 -5.68 4.88
O5' UDP C . -5.16 -5.78 5.86
PA UDP C . -5.09 -4.88 7.17
O1A UDP C . -4.93 -3.45 6.81
O2A UDP C . -6.22 -5.07 8.08
O3A UDP C . -3.69 -5.32 7.87
PB UDP C . -2.94 -4.45 9.00
O1B UDP C . -2.39 -3.16 8.51
O2B UDP C . -3.90 -4.09 10.08
O3B UDP C . -1.79 -5.25 9.53
#